data_3MPD
#
_entry.id   3MPD
#
_cell.length_a   111.330
_cell.length_b   111.330
_cell.length_c   111.330
_cell.angle_alpha   90.00
_cell.angle_beta   90.00
_cell.angle_gamma   90.00
#
_symmetry.space_group_name_H-M   'P 21 3'
#
loop_
_entity.id
_entity.type
_entity.pdbx_description
1 polymer 'Nucleoside diphosphate kinase'
2 non-polymer 1,2-ETHANEDIOL
3 water water
#
_entity_poly.entity_id   1
_entity_poly.type   'polypeptide(L)'
_entity_poly.pdbx_seq_one_letter_code
;GPGSMERTFIMIKPDAIKRRLISRIIQRFEEKGLYLAASKCVIPKREVLETHYSHLSSMPFFSEMVEDMMSGMVLAMVWV
GKDAVSIGRKLIGETNPQAASVGTIRGDYGVSTGKNIIHGSDCVENAEKEIKLWIGDDVQPVSFFDKEWIY
;
_entity_poly.pdbx_strand_id   A,B
#
loop_
_chem_comp.id
_chem_comp.type
_chem_comp.name
_chem_comp.formula
EDO non-polymer 1,2-ETHANEDIOL 'C2 H6 O2'
#
# COMPACT_ATOMS: atom_id res chain seq x y z
N MET A 5 0.41 -15.18 13.49
CA MET A 5 1.61 -15.80 12.87
C MET A 5 2.81 -14.85 12.92
N GLU A 6 3.94 -15.30 12.39
CA GLU A 6 5.15 -14.48 12.32
C GLU A 6 4.90 -13.21 11.48
N ARG A 7 5.55 -12.11 11.83
CA ARG A 7 5.49 -10.90 10.97
C ARG A 7 6.86 -10.32 10.59
N THR A 8 6.88 -9.52 9.52
CA THR A 8 8.12 -8.94 9.02
C THR A 8 7.89 -7.52 8.52
N PHE A 9 8.94 -6.70 8.62
CA PHE A 9 8.86 -5.31 8.21
C PHE A 9 9.47 -5.17 6.84
N ILE A 10 8.70 -4.62 5.92
CA ILE A 10 9.13 -4.48 4.53
C ILE A 10 8.99 -3.01 4.16
N MET A 11 10.06 -2.41 3.65
CA MET A 11 10.02 -1.00 3.33
C MET A 11 10.57 -0.78 1.94
N ILE A 12 9.74 -0.18 1.08
CA ILE A 12 10.18 0.18 -0.27
C ILE A 12 10.99 1.48 -0.16
N LYS A 13 12.23 1.41 -0.65
CA LYS A 13 13.20 2.53 -0.50
C LYS A 13 12.85 3.65 -1.46
N PRO A 14 13.29 4.89 -1.16
CA PRO A 14 12.79 6.08 -1.85
C PRO A 14 12.91 6.04 -3.37
N ASP A 15 14.04 5.54 -3.89
CA ASP A 15 14.24 5.46 -5.32
C ASP A 15 13.33 4.47 -6.04
N ALA A 16 12.93 3.40 -5.36
CA ALA A 16 12.03 2.43 -5.95
C ALA A 16 10.63 3.02 -6.08
N ILE A 17 10.26 3.91 -5.17
CA ILE A 17 8.99 4.65 -5.30
C ILE A 17 9.02 5.47 -6.60
N LYS A 18 10.12 6.19 -6.79
CA LYS A 18 10.31 7.07 -7.96
C LYS A 18 10.40 6.32 -9.30
N ARG A 19 10.92 5.10 -9.27
CA ARG A 19 10.88 4.19 -10.43
C ARG A 19 9.52 3.52 -10.65
N ARG A 20 8.57 3.79 -9.75
CA ARG A 20 7.21 3.28 -9.89
C ARG A 20 7.19 1.76 -9.86
N LEU A 21 7.88 1.22 -8.85
CA LEU A 21 7.95 -0.22 -8.61
C LEU A 21 7.00 -0.73 -7.54
N ILE A 22 6.14 0.13 -7.03
CA ILE A 22 5.24 -0.28 -5.94
C ILE A 22 4.40 -1.53 -6.28
N SER A 23 3.68 -1.54 -7.39
CA SER A 23 2.76 -2.67 -7.66
C SER A 23 3.53 -3.96 -7.91
N ARG A 24 4.67 -3.85 -8.58
CA ARG A 24 5.50 -5.02 -8.89
C ARG A 24 6.10 -5.66 -7.64
N ILE A 25 6.47 -4.84 -6.69
CA ILE A 25 6.98 -5.32 -5.41
C ILE A 25 5.85 -5.97 -4.57
N ILE A 26 4.73 -5.30 -4.43
CA ILE A 26 3.64 -5.85 -3.64
C ILE A 26 3.13 -7.18 -4.23
N GLN A 27 3.10 -7.26 -5.55
CA GLN A 27 2.71 -8.52 -6.20
C GLN A 27 3.50 -9.72 -5.69
N ARG A 28 4.82 -9.56 -5.49
CA ARG A 28 5.66 -10.71 -5.05
C ARG A 28 5.18 -11.25 -3.71
N PHE A 29 4.86 -10.33 -2.79
CA PHE A 29 4.44 -10.70 -1.44
C PHE A 29 3.02 -11.26 -1.40
N GLU A 30 2.15 -10.63 -2.17
CA GLU A 30 0.73 -10.97 -2.15
C GLU A 30 0.54 -12.33 -2.86
N GLU A 31 1.30 -12.58 -3.95
CA GLU A 31 1.18 -13.86 -4.68
C GLU A 31 1.81 -15.02 -3.94
N LYS A 32 2.77 -14.71 -3.06
CA LYS A 32 3.40 -15.72 -2.22
C LYS A 32 2.49 -16.19 -1.06
N GLY A 33 1.45 -15.41 -0.74
CA GLY A 33 0.44 -15.80 0.24
C GLY A 33 0.49 -15.04 1.56
N LEU A 34 1.42 -14.08 1.68
CA LEU A 34 1.55 -13.32 2.92
C LEU A 34 0.38 -12.35 3.05
N TYR A 35 0.13 -11.92 4.27
CA TYR A 35 -0.99 -11.03 4.54
C TYR A 35 -0.51 -9.65 4.88
N LEU A 36 -0.93 -8.65 4.08
CA LEU A 36 -0.64 -7.26 4.44
C LEU A 36 -1.41 -6.85 5.70
N ALA A 37 -0.69 -6.31 6.69
CA ALA A 37 -1.32 -5.88 7.99
C ALA A 37 -1.15 -4.40 8.34
N ALA A 38 -0.17 -3.73 7.73
CA ALA A 38 0.02 -2.31 7.96
C ALA A 38 0.74 -1.73 6.79
N SER A 39 0.55 -0.43 6.59
CA SER A 39 1.03 0.32 5.44
C SER A 39 1.09 1.77 5.85
N LYS A 40 2.17 2.46 5.49
CA LYS A 40 2.32 3.86 5.84
C LYS A 40 3.35 4.49 4.89
N CYS A 41 2.98 5.64 4.32
CA CYS A 41 3.91 6.48 3.57
C CYS A 41 4.60 7.43 4.54
N VAL A 42 5.94 7.42 4.54
CA VAL A 42 6.70 8.31 5.44
C VAL A 42 7.92 8.90 4.75
N ILE A 43 8.20 10.16 5.08
CA ILE A 43 9.46 10.81 4.75
C ILE A 43 10.34 10.50 5.98
N PRO A 44 11.32 9.59 5.85
CA PRO A 44 12.06 9.16 7.03
C PRO A 44 12.85 10.30 7.73
N LYS A 45 12.82 10.29 9.05
CA LYS A 45 13.58 11.21 9.88
C LYS A 45 15.01 10.66 10.12
N ARG A 46 15.99 11.55 10.14
CA ARG A 46 17.39 11.11 10.35
C ARG A 46 17.56 10.20 11.57
N GLU A 47 16.95 10.59 12.69
CA GLU A 47 17.08 9.87 13.97
C GLU A 47 16.49 8.48 13.88
N VAL A 48 15.32 8.35 13.29
CA VAL A 48 14.73 7.03 13.07
C VAL A 48 15.62 6.10 12.21
N LEU A 49 16.21 6.64 11.13
CA LEU A 49 17.12 5.84 10.27
C LEU A 49 18.35 5.33 11.02
N GLU A 50 18.93 6.21 11.86
CA GLU A 50 20.08 5.87 12.70
C GLU A 50 19.77 4.75 13.71
N THR A 51 18.54 4.76 14.23
CA THR A 51 18.07 3.67 15.10
C THR A 51 17.85 2.39 14.29
N HIS A 52 17.11 2.50 13.19
CA HIS A 52 16.88 1.37 12.27
C HIS A 52 18.19 0.68 11.86
N TYR A 53 19.20 1.47 11.53
CA TYR A 53 20.48 0.95 11.07
C TYR A 53 21.61 1.03 12.12
N SER A 54 21.27 0.97 13.41
CA SER A 54 22.26 1.10 14.50
C SER A 54 23.38 0.06 14.42
N HIS A 55 23.02 -1.15 13.99
CA HIS A 55 24.01 -2.23 13.76
C HIS A 55 25.04 -1.89 12.66
N LEU A 56 24.75 -0.88 11.85
CA LEU A 56 25.66 -0.45 10.79
C LEU A 56 26.50 0.78 11.18
N SER A 57 26.30 1.32 12.40
CA SER A 57 26.96 2.58 12.78
C SER A 57 28.50 2.62 12.67
N SER A 58 29.15 1.44 12.73
CA SER A 58 30.62 1.34 12.65
C SER A 58 31.14 1.27 11.23
N MET A 59 30.26 0.94 10.30
CA MET A 59 30.67 0.66 8.93
C MET A 59 31.08 1.91 8.14
N PRO A 60 32.03 1.74 7.18
CA PRO A 60 32.34 2.85 6.28
C PRO A 60 31.08 3.37 5.56
N PHE A 61 31.03 4.69 5.37
CA PHE A 61 29.95 5.34 4.62
C PHE A 61 28.55 5.23 5.26
N PHE A 62 28.50 5.02 6.57
CA PHE A 62 27.24 5.00 7.32
C PHE A 62 26.37 6.24 7.07
N SER A 63 26.98 7.42 7.18
CA SER A 63 26.31 8.68 6.89
C SER A 63 25.66 8.72 5.48
N GLU A 64 26.42 8.35 4.45
CA GLU A 64 25.90 8.27 3.09
C GLU A 64 24.73 7.28 3.02
N MET A 65 24.84 6.10 3.64
CA MET A 65 23.74 5.10 3.61
C MET A 65 22.48 5.71 4.24
N VAL A 66 22.64 6.43 5.35
CA VAL A 66 21.49 7.10 5.98
C VAL A 66 20.91 8.21 5.05
N GLU A 67 21.80 8.99 4.44
CA GLU A 67 21.41 10.08 3.55
C GLU A 67 20.58 9.59 2.39
N ASP A 68 21.01 8.48 1.79
CA ASP A 68 20.29 7.82 0.70
C ASP A 68 18.85 7.47 1.09
N MET A 69 18.64 7.11 2.35
CA MET A 69 17.30 6.71 2.80
C MET A 69 16.46 7.93 3.13
N MET A 70 17.06 9.12 3.11
CA MET A 70 16.34 10.35 3.42
C MET A 70 15.85 11.14 2.20
N SER A 71 16.13 10.63 1.00
CA SER A 71 15.94 11.36 -0.26
C SER A 71 14.48 11.40 -0.74
N GLY A 72 13.59 10.80 0.03
CA GLY A 72 12.19 10.80 -0.35
C GLY A 72 11.32 9.84 0.42
N MET A 73 10.04 9.86 0.07
CA MET A 73 9.02 9.04 0.72
CA MET A 73 9.02 9.04 0.72
C MET A 73 9.35 7.56 0.56
N VAL A 74 9.10 6.80 1.63
CA VAL A 74 9.21 5.33 1.61
C VAL A 74 7.80 4.80 1.84
N LEU A 75 7.55 3.56 1.40
CA LEU A 75 6.33 2.83 1.78
C LEU A 75 6.66 1.72 2.78
N ALA A 76 6.27 1.94 4.03
CA ALA A 76 6.55 1.03 5.11
C ALA A 76 5.35 0.09 5.32
N MET A 77 5.63 -1.22 5.42
CA MET A 77 4.57 -2.24 5.51
C MET A 77 4.90 -3.31 6.53
N VAL A 78 3.85 -3.95 7.02
CA VAL A 78 3.97 -5.17 7.77
C VAL A 78 3.24 -6.28 7.01
N TRP A 79 3.93 -7.40 6.82
CA TRP A 79 3.39 -8.57 6.16
C TRP A 79 3.44 -9.73 7.15
N VAL A 80 2.34 -10.48 7.24
CA VAL A 80 2.20 -11.55 8.23
C VAL A 80 1.97 -12.88 7.55
N GLY A 81 2.50 -13.94 8.15
CA GLY A 81 2.24 -15.31 7.71
C GLY A 81 3.33 -16.24 8.20
N LYS A 82 3.10 -17.55 8.06
CA LYS A 82 4.09 -18.59 8.44
C LYS A 82 5.44 -18.31 7.79
N ASP A 83 6.51 -18.36 8.60
CA ASP A 83 7.87 -18.07 8.12
C ASP A 83 8.00 -16.74 7.37
N ALA A 84 7.24 -15.70 7.75
CA ALA A 84 7.23 -14.43 7.01
C ALA A 84 8.61 -13.84 6.83
N VAL A 85 9.46 -13.93 7.85
CA VAL A 85 10.76 -13.26 7.75
C VAL A 85 11.67 -13.88 6.70
N SER A 86 11.87 -15.19 6.81
CA SER A 86 12.68 -15.94 5.85
CA SER A 86 12.71 -15.89 5.84
C SER A 86 12.07 -15.85 4.45
N ILE A 87 10.73 -15.93 4.38
CA ILE A 87 10.06 -15.83 3.06
C ILE A 87 10.37 -14.46 2.44
N GLY A 88 10.21 -13.38 3.20
CA GLY A 88 10.54 -12.05 2.64
C GLY A 88 12.00 -11.91 2.17
N ARG A 89 12.95 -12.36 2.99
CA ARG A 89 14.37 -12.31 2.60
C ARG A 89 14.60 -13.05 1.26
N LYS A 90 13.95 -14.20 1.10
CA LYS A 90 14.13 -14.97 -0.14
C LYS A 90 13.52 -14.26 -1.35
N LEU A 91 12.37 -13.64 -1.18
CA LEU A 91 11.75 -12.88 -2.29
C LEU A 91 12.58 -11.66 -2.71
N ILE A 92 13.28 -11.07 -1.73
CA ILE A 92 14.05 -9.85 -1.93
C ILE A 92 15.39 -10.12 -2.60
N GLY A 93 16.12 -11.15 -2.14
CA GLY A 93 17.42 -11.47 -2.76
C GLY A 93 18.55 -10.83 -1.97
N GLU A 94 19.77 -11.25 -2.28
CA GLU A 94 21.03 -10.75 -1.68
C GLU A 94 21.18 -9.23 -1.64
N THR A 95 21.85 -8.74 -0.60
CA THR A 95 22.10 -7.33 -0.45
C THR A 95 22.56 -6.68 -1.76
N ASN A 96 23.58 -7.24 -2.40
CA ASN A 96 24.07 -6.75 -3.66
C ASN A 96 23.25 -7.35 -4.81
N PRO A 97 22.52 -6.49 -5.56
CA PRO A 97 21.69 -7.03 -6.66
C PRO A 97 22.47 -7.83 -7.71
N GLN A 98 23.76 -7.56 -7.90
CA GLN A 98 24.58 -8.41 -8.84
C GLN A 98 24.66 -9.85 -8.36
N ALA A 99 24.55 -10.06 -7.05
CA ALA A 99 24.63 -11.43 -6.51
C ALA A 99 23.24 -12.08 -6.31
N ALA A 100 22.17 -11.28 -6.33
CA ALA A 100 20.80 -11.79 -6.10
C ALA A 100 20.32 -12.61 -7.31
N SER A 101 19.55 -13.67 -7.04
CA SER A 101 19.08 -14.54 -8.14
C SER A 101 18.11 -13.78 -9.05
N VAL A 102 18.15 -14.11 -10.33
CA VAL A 102 17.14 -13.56 -11.22
CA VAL A 102 17.14 -13.65 -11.28
C VAL A 102 15.81 -14.09 -10.67
N GLY A 103 14.78 -13.29 -10.80
CA GLY A 103 13.48 -13.67 -10.23
C GLY A 103 13.26 -13.06 -8.84
N THR A 104 14.32 -12.61 -8.15
CA THR A 104 14.13 -11.85 -6.89
C THR A 104 13.90 -10.38 -7.21
N ILE A 105 13.40 -9.63 -6.25
CA ILE A 105 13.20 -8.20 -6.40
C ILE A 105 14.50 -7.49 -6.78
N ARG A 106 15.57 -7.75 -6.02
CA ARG A 106 16.87 -7.11 -6.31
C ARG A 106 17.48 -7.64 -7.60
N GLY A 107 17.35 -8.94 -7.84
CA GLY A 107 17.87 -9.50 -9.08
C GLY A 107 17.22 -8.94 -10.35
N ASP A 108 15.92 -8.66 -10.29
CA ASP A 108 15.16 -8.22 -11.47
C ASP A 108 15.20 -6.69 -11.69
N TYR A 109 15.32 -5.92 -10.62
CA TYR A 109 15.17 -4.45 -10.72
C TYR A 109 16.38 -3.68 -10.21
N GLY A 110 17.18 -4.32 -9.36
CA GLY A 110 18.25 -3.62 -8.67
C GLY A 110 19.56 -3.58 -9.42
N VAL A 111 20.28 -2.49 -9.26
CA VAL A 111 21.63 -2.41 -9.81
C VAL A 111 22.73 -2.22 -8.74
N SER A 112 22.54 -1.29 -7.82
CA SER A 112 23.56 -1.03 -6.80
C SER A 112 23.16 -1.50 -5.39
N THR A 113 24.16 -1.70 -4.52
CA THR A 113 23.93 -2.06 -3.13
C THR A 113 23.21 -0.97 -2.32
N GLY A 114 23.44 0.30 -2.66
CA GLY A 114 22.78 1.44 -1.98
C GLY A 114 21.33 1.68 -2.42
N LYS A 115 21.04 1.39 -3.69
CA LYS A 115 19.68 1.53 -4.20
C LYS A 115 19.15 0.16 -4.55
N ASN A 116 19.10 -0.69 -3.55
CA ASN A 116 18.72 -2.07 -3.75
C ASN A 116 17.23 -2.28 -3.42
N ILE A 117 16.42 -1.25 -3.67
CA ILE A 117 14.94 -1.32 -3.91
C ILE A 117 14.09 -1.33 -2.65
N ILE A 118 14.53 -2.09 -1.63
CA ILE A 118 13.64 -2.54 -0.58
C ILE A 118 14.47 -2.98 0.63
N HIS A 119 13.88 -2.85 1.81
CA HIS A 119 14.44 -3.43 3.01
C HIS A 119 13.48 -4.50 3.50
N GLY A 120 13.99 -5.66 3.93
CA GLY A 120 13.14 -6.60 4.68
C GLY A 120 13.86 -7.03 5.94
N SER A 121 13.13 -7.24 7.04
CA SER A 121 13.79 -7.66 8.30
C SER A 121 14.66 -8.91 8.11
N ASP A 122 15.76 -9.00 8.85
CA ASP A 122 16.66 -10.16 8.73
C ASP A 122 16.37 -11.26 9.75
N CYS A 123 15.60 -10.93 10.78
CA CYS A 123 15.23 -11.90 11.81
C CYS A 123 14.00 -11.40 12.58
N VAL A 124 13.39 -12.26 13.37
CA VAL A 124 12.17 -11.91 14.10
C VAL A 124 12.39 -10.77 15.12
N GLU A 125 13.51 -10.83 15.84
CA GLU A 125 13.92 -9.78 16.77
C GLU A 125 13.98 -8.40 16.09
N ASN A 126 14.65 -8.31 14.95
CA ASN A 126 14.73 -7.05 14.21
C ASN A 126 13.40 -6.61 13.59
N ALA A 127 12.60 -7.55 13.10
CA ALA A 127 11.25 -7.24 12.64
C ALA A 127 10.40 -6.54 13.71
N GLU A 128 10.43 -7.05 14.94
CA GLU A 128 9.63 -6.46 16.04
C GLU A 128 10.11 -5.05 16.40
N LYS A 129 11.42 -4.87 16.50
CA LYS A 129 12.03 -3.55 16.70
C LYS A 129 11.66 -2.58 15.58
N GLU A 130 11.77 -3.03 14.32
CA GLU A 130 11.47 -2.18 13.17
C GLU A 130 9.98 -1.81 13.09
N ILE A 131 9.11 -2.78 13.34
CA ILE A 131 7.67 -2.50 13.39
C ILE A 131 7.33 -1.42 14.43
N LYS A 132 7.85 -1.55 15.66
CA LYS A 132 7.60 -0.56 16.72
C LYS A 132 8.23 0.79 16.39
N LEU A 133 9.37 0.77 15.71
CA LEU A 133 10.06 2.00 15.33
C LEU A 133 9.29 2.79 14.27
N TRP A 134 8.85 2.12 13.21
CA TRP A 134 8.24 2.78 12.06
C TRP A 134 6.71 2.87 12.06
N ILE A 135 6.04 1.88 12.65
CA ILE A 135 4.58 1.73 12.54
C ILE A 135 3.89 2.02 13.86
N GLY A 136 4.32 1.34 14.93
CA GLY A 136 3.74 1.56 16.27
C GLY A 136 3.55 0.25 16.99
N ASP A 137 3.02 0.31 18.21
CA ASP A 137 2.86 -0.89 19.03
C ASP A 137 1.47 -1.50 18.91
N ASP A 138 0.59 -0.90 18.11
CA ASP A 138 -0.80 -1.35 18.07
C ASP A 138 -1.28 -1.86 16.70
N VAL A 139 -0.38 -2.45 15.89
CA VAL A 139 -0.76 -3.06 14.58
C VAL A 139 -1.90 -4.05 14.83
N GLN A 140 -3.00 -3.83 14.15
CA GLN A 140 -4.18 -4.63 14.45
C GLN A 140 -4.13 -5.96 13.68
N PRO A 141 -4.68 -7.02 14.31
CA PRO A 141 -4.72 -8.36 13.75
C PRO A 141 -5.56 -8.38 12.48
N VAL A 142 -5.02 -8.98 11.43
CA VAL A 142 -5.80 -9.17 10.22
C VAL A 142 -6.28 -10.61 10.10
N SER A 143 -7.36 -10.76 9.36
CA SER A 143 -7.92 -12.04 9.05
C SER A 143 -7.03 -12.77 8.06
N PHE A 144 -6.66 -14.00 8.39
CA PHE A 144 -5.96 -14.85 7.45
C PHE A 144 -7.02 -15.46 6.51
N PHE A 145 -7.55 -14.61 5.60
CA PHE A 145 -8.77 -14.94 4.87
C PHE A 145 -8.71 -16.22 4.04
N ASP A 146 -7.53 -16.61 3.61
CA ASP A 146 -7.43 -17.82 2.80
C ASP A 146 -6.45 -18.85 3.38
N LYS A 147 -6.30 -18.85 4.71
CA LYS A 147 -5.29 -19.68 5.39
C LYS A 147 -5.42 -21.15 4.99
N GLU A 148 -6.64 -21.65 4.91
CA GLU A 148 -6.90 -23.06 4.55
C GLU A 148 -6.42 -23.48 3.17
N TRP A 149 -6.19 -22.54 2.26
CA TRP A 149 -5.80 -22.86 0.88
C TRP A 149 -4.29 -22.75 0.68
N ILE A 150 -3.61 -22.17 1.68
CA ILE A 150 -2.19 -21.90 1.60
C ILE A 150 -1.36 -22.80 2.56
N TYR A 151 -1.94 -23.14 3.72
CA TYR A 151 -1.33 -24.07 4.71
C TYR A 151 -2.16 -25.31 4.94
N MET B 5 -1.17 19.94 -6.19
CA MET B 5 -2.11 19.33 -7.18
C MET B 5 -3.32 18.71 -6.43
N GLU B 6 -4.36 18.40 -7.19
CA GLU B 6 -5.61 17.79 -6.70
C GLU B 6 -5.37 16.41 -6.04
N ARG B 7 -6.14 16.09 -5.00
CA ARG B 7 -6.03 14.78 -4.32
C ARG B 7 -7.32 13.99 -4.45
N THR B 8 -7.22 12.67 -4.45
CA THR B 8 -8.40 11.81 -4.38
C THR B 8 -8.22 10.69 -3.35
N PHE B 9 -9.32 10.27 -2.72
CA PHE B 9 -9.32 9.16 -1.77
C PHE B 9 -9.74 7.85 -2.46
N ILE B 10 -8.84 6.87 -2.44
CA ILE B 10 -9.07 5.56 -3.04
C ILE B 10 -9.00 4.48 -1.96
N MET B 11 -10.05 3.69 -1.83
CA MET B 11 -10.08 2.66 -0.80
C MET B 11 -10.41 1.29 -1.41
N ILE B 12 -9.54 0.32 -1.23
CA ILE B 12 -9.81 -1.04 -1.67
C ILE B 12 -10.71 -1.72 -0.63
N LYS B 13 -11.87 -2.20 -1.07
CA LYS B 13 -12.87 -2.75 -0.15
C LYS B 13 -12.45 -4.14 0.31
N PRO B 14 -13.02 -4.61 1.43
CA PRO B 14 -12.45 -5.79 2.07
C PRO B 14 -12.45 -7.05 1.23
N ASP B 15 -13.47 -7.24 0.41
CA ASP B 15 -13.53 -8.46 -0.40
C ASP B 15 -12.44 -8.52 -1.47
N ALA B 16 -12.05 -7.34 -1.96
CA ALA B 16 -11.01 -7.20 -2.98
C ALA B 16 -9.64 -7.50 -2.36
N ILE B 17 -9.46 -7.16 -1.09
CA ILE B 17 -8.25 -7.55 -0.34
C ILE B 17 -8.18 -9.08 -0.25
N LYS B 18 -9.30 -9.70 0.09
CA LYS B 18 -9.34 -11.14 0.25
C LYS B 18 -9.15 -11.88 -1.09
N ARG B 19 -9.55 -11.22 -2.18
CA ARG B 19 -9.32 -11.76 -3.50
C ARG B 19 -7.90 -11.47 -3.99
N ARG B 20 -7.09 -10.83 -3.15
CA ARG B 20 -5.66 -10.56 -3.49
C ARG B 20 -5.48 -9.70 -4.74
N LEU B 21 -6.27 -8.64 -4.80
CA LEU B 21 -6.24 -7.69 -5.91
C LEU B 21 -5.43 -6.42 -5.61
N ILE B 22 -4.70 -6.37 -4.50
CA ILE B 22 -3.97 -5.15 -4.15
C ILE B 22 -2.99 -4.70 -5.27
N SER B 23 -2.12 -5.59 -5.72
CA SER B 23 -1.07 -5.16 -6.68
C SER B 23 -1.69 -4.75 -8.05
N ARG B 24 -2.71 -5.48 -8.47
CA ARG B 24 -3.39 -5.21 -9.74
C ARG B 24 -4.11 -3.89 -9.71
N ILE B 25 -4.67 -3.55 -8.56
CA ILE B 25 -5.34 -2.25 -8.38
C ILE B 25 -4.30 -1.11 -8.36
N ILE B 26 -3.25 -1.27 -7.55
CA ILE B 26 -2.27 -0.19 -7.44
C ILE B 26 -1.63 0.09 -8.80
N GLN B 27 -1.39 -0.98 -9.55
CA GLN B 27 -0.84 -0.87 -10.90
C GLN B 27 -1.57 0.16 -11.77
N ARG B 28 -2.90 0.15 -11.78
CA ARG B 28 -3.67 1.07 -12.61
C ARG B 28 -3.36 2.53 -12.31
N PHE B 29 -3.29 2.86 -11.04
CA PHE B 29 -3.02 4.23 -10.60
C PHE B 29 -1.58 4.60 -10.85
N GLU B 30 -0.69 3.66 -10.56
CA GLU B 30 0.74 3.95 -10.64
C GLU B 30 1.19 4.13 -12.12
N GLU B 31 0.65 3.30 -13.01
CA GLU B 31 1.03 3.36 -14.44
C GLU B 31 0.37 4.54 -15.15
N LYS B 32 -0.77 5.01 -14.62
CA LYS B 32 -1.43 6.21 -15.15
C LYS B 32 -0.67 7.51 -14.84
N GLY B 33 0.14 7.52 -13.78
CA GLY B 33 0.98 8.69 -13.51
C GLY B 33 0.66 9.46 -12.24
N LEU B 34 -0.35 9.02 -11.50
CA LEU B 34 -0.66 9.63 -10.20
C LEU B 34 0.37 9.21 -9.14
N TYR B 35 0.43 10.02 -8.09
CA TYR B 35 1.38 9.86 -7.02
C TYR B 35 0.71 9.36 -5.74
N LEU B 36 1.19 8.24 -5.20
CA LEU B 36 0.76 7.82 -3.88
C LEU B 36 1.29 8.77 -2.81
N ALA B 37 0.38 9.27 -1.96
CA ALA B 37 0.67 10.24 -0.89
C ALA B 37 0.39 9.72 0.52
N ALA B 38 -0.54 8.78 0.64
CA ALA B 38 -0.87 8.21 1.92
C ALA B 38 -1.43 6.81 1.70
N SER B 39 -1.23 5.97 2.70
CA SER B 39 -1.60 4.54 2.69
C SER B 39 -1.85 4.17 4.14
N LYS B 40 -2.95 3.49 4.39
CA LYS B 40 -3.24 3.00 5.71
C LYS B 40 -4.07 1.73 5.60
N CYS B 41 -3.67 0.69 6.32
CA CYS B 41 -4.50 -0.49 6.52
C CYS B 41 -5.41 -0.29 7.73
N VAL B 42 -6.72 -0.44 7.53
CA VAL B 42 -7.71 -0.14 8.56
C VAL B 42 -8.82 -1.19 8.60
N ILE B 43 -9.16 -1.71 9.76
CA ILE B 43 -10.45 -2.42 9.86
C ILE B 43 -11.49 -1.39 10.26
N PRO B 44 -12.36 -1.00 9.32
CA PRO B 44 -13.29 0.12 9.55
C PRO B 44 -14.19 -0.04 10.78
N LYS B 45 -14.40 1.08 11.47
CA LYS B 45 -15.29 1.19 12.60
C LYS B 45 -16.67 1.60 12.10
N ARG B 46 -17.71 1.21 12.85
CA ARG B 46 -19.07 1.53 12.48
C ARG B 46 -19.35 3.02 12.29
N GLU B 47 -18.95 3.85 13.26
CA GLU B 47 -19.30 5.28 13.25
C GLU B 47 -18.67 5.98 12.05
N VAL B 48 -17.44 5.56 11.71
CA VAL B 48 -16.78 6.02 10.50
C VAL B 48 -17.58 5.65 9.26
N LEU B 49 -18.00 4.39 9.17
CA LEU B 49 -18.76 3.94 8.00
C LEU B 49 -20.10 4.64 7.90
N GLU B 50 -20.76 4.84 9.06
CA GLU B 50 -22.04 5.52 9.10
C GLU B 50 -21.91 6.97 8.65
N THR B 51 -20.77 7.60 8.91
CA THR B 51 -20.54 8.96 8.43
C THR B 51 -20.32 8.94 6.92
N HIS B 52 -19.41 8.06 6.48
CA HIS B 52 -19.03 7.91 5.07
C HIS B 52 -20.22 7.58 4.17
N TYR B 53 -21.13 6.74 4.64
CA TYR B 53 -22.28 6.36 3.84
C TYR B 53 -23.58 7.00 4.34
N SER B 54 -23.45 8.15 5.00
CA SER B 54 -24.62 8.83 5.60
C SER B 54 -25.75 9.05 4.60
N HIS B 55 -25.41 9.33 3.34
CA HIS B 55 -26.41 9.59 2.30
C HIS B 55 -27.20 8.33 1.90
N LEU B 56 -26.71 7.17 2.32
CA LEU B 56 -27.41 5.92 2.03
C LEU B 56 -28.16 5.34 3.24
N SER B 57 -28.30 6.13 4.30
CA SER B 57 -28.75 5.57 5.58
C SER B 57 -30.21 5.11 5.59
N SER B 58 -31.01 5.59 4.61
CA SER B 58 -32.43 5.19 4.51
CA SER B 58 -32.43 5.19 4.52
C SER B 58 -32.63 3.97 3.60
N MET B 59 -31.54 3.49 3.02
CA MET B 59 -31.65 2.41 2.05
C MET B 59 -31.78 1.09 2.77
N PRO B 60 -32.59 0.18 2.22
CA PRO B 60 -32.82 -1.13 2.84
C PRO B 60 -31.53 -1.99 2.97
N PHE B 61 -30.54 -1.73 2.11
CA PHE B 61 -29.25 -2.46 2.14
C PHE B 61 -28.19 -1.89 3.07
N PHE B 62 -28.53 -0.78 3.73
CA PHE B 62 -27.58 -0.02 4.51
C PHE B 62 -26.80 -0.82 5.56
N SER B 63 -27.50 -1.61 6.37
CA SER B 63 -26.85 -2.39 7.44
C SER B 63 -25.93 -3.47 6.88
N GLU B 64 -26.34 -4.09 5.78
CA GLU B 64 -25.54 -5.11 5.13
C GLU B 64 -24.26 -4.51 4.54
N MET B 65 -24.40 -3.34 3.93
CA MET B 65 -23.27 -2.63 3.37
C MET B 65 -22.24 -2.31 4.45
N VAL B 66 -22.71 -1.76 5.56
CA VAL B 66 -21.85 -1.50 6.69
C VAL B 66 -21.18 -2.78 7.20
N GLU B 67 -21.95 -3.87 7.35
CA GLU B 67 -21.34 -5.16 7.77
C GLU B 67 -20.28 -5.66 6.80
N ASP B 68 -20.58 -5.58 5.50
CA ASP B 68 -19.60 -6.02 4.53
C ASP B 68 -18.33 -5.14 4.63
N MET B 69 -18.52 -3.85 4.81
CA MET B 69 -17.38 -2.93 4.88
C MET B 69 -16.59 -3.10 6.19
N MET B 70 -17.18 -3.78 7.18
CA MET B 70 -16.50 -4.09 8.44
C MET B 70 -15.91 -5.53 8.45
N SER B 71 -16.10 -6.29 7.37
CA SER B 71 -15.77 -7.73 7.37
C SER B 71 -14.28 -8.04 7.14
N GLY B 72 -13.49 -7.01 7.01
CA GLY B 72 -12.06 -7.21 6.86
C GLY B 72 -11.33 -5.90 6.70
N MET B 73 -10.03 -6.01 6.60
CA MET B 73 -9.17 -4.86 6.38
CA MET B 73 -9.17 -4.87 6.37
C MET B 73 -9.49 -4.20 5.04
N VAL B 74 -9.49 -2.87 5.04
CA VAL B 74 -9.46 -2.09 3.80
C VAL B 74 -8.09 -1.40 3.67
N LEU B 75 -7.72 -1.11 2.42
CA LEU B 75 -6.50 -0.32 2.17
C LEU B 75 -6.89 1.08 1.67
N ALA B 76 -6.64 2.07 2.52
CA ALA B 76 -7.06 3.42 2.25
C ALA B 76 -5.85 4.21 1.79
N MET B 77 -6.05 4.97 0.73
CA MET B 77 -4.95 5.64 0.05
C MET B 77 -5.33 7.02 -0.41
N VAL B 78 -4.34 7.89 -0.55
CA VAL B 78 -4.54 9.16 -1.23
C VAL B 78 -3.66 9.14 -2.45
N TRP B 79 -4.22 9.44 -3.61
CA TRP B 79 -3.41 9.63 -4.82
C TRP B 79 -3.55 11.08 -5.28
N VAL B 80 -2.48 11.65 -5.85
CA VAL B 80 -2.37 13.09 -6.13
C VAL B 80 -1.93 13.28 -7.57
N GLY B 81 -2.44 14.35 -8.19
CA GLY B 81 -2.04 14.71 -9.54
C GLY B 81 -3.08 15.60 -10.17
N LYS B 82 -2.73 16.25 -11.29
CA LYS B 82 -3.71 17.10 -12.00
C LYS B 82 -4.92 16.22 -12.39
N ASP B 83 -6.13 16.73 -12.14
CA ASP B 83 -7.40 16.01 -12.42
C ASP B 83 -7.52 14.61 -11.76
N ALA B 84 -6.86 14.42 -10.62
CA ALA B 84 -6.82 13.09 -10.00
C ALA B 84 -8.22 12.49 -9.70
N VAL B 85 -9.19 13.32 -9.31
CA VAL B 85 -10.53 12.80 -9.00
C VAL B 85 -11.19 12.15 -10.24
N SER B 86 -11.30 12.93 -11.30
CA SER B 86 -11.85 12.46 -12.58
CA SER B 86 -11.86 12.45 -12.56
C SER B 86 -11.02 11.31 -13.15
N ILE B 87 -9.70 11.38 -13.00
CA ILE B 87 -8.82 10.30 -13.49
C ILE B 87 -9.12 9.01 -12.71
N GLY B 88 -9.17 9.08 -11.38
CA GLY B 88 -9.50 7.89 -10.59
C GLY B 88 -10.87 7.28 -10.93
N ARG B 89 -11.89 8.14 -11.08
CA ARG B 89 -13.23 7.68 -11.43
C ARG B 89 -13.22 6.86 -12.73
N LYS B 90 -12.45 7.33 -13.72
CA LYS B 90 -12.43 6.67 -15.02
C LYS B 90 -11.67 5.33 -14.98
N LEU B 91 -10.55 5.29 -14.25
CA LEU B 91 -9.83 4.04 -14.02
C LEU B 91 -10.71 2.97 -13.37
N ILE B 92 -11.57 3.41 -12.44
CA ILE B 92 -12.42 2.52 -11.62
C ILE B 92 -13.62 1.98 -12.38
N GLY B 93 -14.29 2.84 -13.14
CA GLY B 93 -15.49 2.47 -13.90
C GLY B 93 -16.79 2.67 -13.13
N GLU B 94 -17.92 2.44 -13.81
CA GLU B 94 -19.25 2.64 -13.23
C GLU B 94 -19.50 1.79 -11.99
N THR B 95 -20.35 2.31 -11.12
CA THR B 95 -20.70 1.69 -9.86
C THR B 95 -21.09 0.23 -10.05
N ASN B 96 -21.99 -0.04 -10.99
CA ASN B 96 -22.35 -1.42 -11.28
C ASN B 96 -21.30 -2.06 -12.21
N PRO B 97 -20.53 -3.05 -11.69
CA PRO B 97 -19.48 -3.65 -12.53
C PRO B 97 -19.97 -4.18 -13.88
N GLN B 98 -21.24 -4.58 -13.98
CA GLN B 98 -21.75 -5.02 -15.28
C GLN B 98 -21.96 -3.86 -16.28
N ALA B 99 -22.09 -2.62 -15.80
CA ALA B 99 -22.11 -1.42 -16.68
C ALA B 99 -20.71 -0.83 -16.96
N ALA B 100 -19.71 -1.19 -16.16
CA ALA B 100 -18.37 -0.60 -16.30
C ALA B 100 -17.68 -1.13 -17.54
N SER B 101 -16.92 -0.26 -18.20
CA SER B 101 -16.21 -0.65 -19.42
C SER B 101 -15.16 -1.71 -19.13
N VAL B 102 -14.96 -2.62 -20.06
N VAL B 102 -14.95 -2.61 -20.08
CA VAL B 102 -13.86 -3.55 -19.98
CA VAL B 102 -13.85 -3.56 -20.03
C VAL B 102 -12.60 -2.70 -19.91
C VAL B 102 -12.56 -2.75 -19.99
N GLY B 103 -11.61 -3.16 -19.15
CA GLY B 103 -10.38 -2.39 -18.97
C GLY B 103 -10.40 -1.56 -17.69
N THR B 104 -11.58 -1.32 -17.13
CA THR B 104 -11.67 -0.66 -15.83
C THR B 104 -11.47 -1.70 -14.71
N ILE B 105 -11.14 -1.20 -13.52
CA ILE B 105 -11.04 -2.05 -12.34
C ILE B 105 -12.34 -2.83 -12.12
N ARG B 106 -13.48 -2.14 -12.14
CA ARG B 106 -14.75 -2.81 -11.93
C ARG B 106 -15.13 -3.71 -13.10
N GLY B 107 -14.84 -3.25 -14.32
CA GLY B 107 -15.20 -4.05 -15.50
C GLY B 107 -14.40 -5.34 -15.59
N ASP B 108 -13.13 -5.30 -15.18
CA ASP B 108 -12.23 -6.48 -15.27
C ASP B 108 -12.37 -7.47 -14.14
N TYR B 109 -12.69 -6.96 -12.95
CA TYR B 109 -12.64 -7.75 -11.72
C TYR B 109 -13.96 -7.90 -10.99
N GLY B 110 -14.92 -7.01 -11.26
CA GLY B 110 -16.11 -6.97 -10.39
C GLY B 110 -17.29 -7.68 -11.02
N VAL B 111 -18.14 -8.29 -10.19
CA VAL B 111 -19.39 -8.86 -10.69
C VAL B 111 -20.61 -8.14 -10.10
N SER B 112 -20.65 -7.94 -8.78
CA SER B 112 -21.86 -7.40 -8.17
C SER B 112 -21.67 -5.93 -7.73
N THR B 113 -22.77 -5.18 -7.67
CA THR B 113 -22.67 -3.76 -7.28
C THR B 113 -22.20 -3.60 -5.83
N GLY B 114 -22.65 -4.47 -4.95
CA GLY B 114 -22.23 -4.44 -3.55
C GLY B 114 -20.74 -4.67 -3.39
N LYS B 115 -20.21 -5.65 -4.14
CA LYS B 115 -18.79 -6.02 -3.98
C LYS B 115 -18.00 -5.52 -5.18
N ASN B 116 -18.07 -4.21 -5.34
CA ASN B 116 -17.53 -3.56 -6.52
C ASN B 116 -16.08 -3.06 -6.33
N ILE B 117 -15.31 -3.80 -5.52
CA ILE B 117 -13.82 -3.75 -5.52
C ILE B 117 -13.20 -2.60 -4.72
N ILE B 118 -13.73 -1.40 -4.95
CA ILE B 118 -12.98 -0.20 -4.66
C ILE B 118 -13.94 0.99 -4.52
N HIS B 119 -13.51 1.98 -3.75
CA HIS B 119 -14.18 3.26 -3.72
C HIS B 119 -13.19 4.33 -4.17
N GLY B 120 -13.66 5.28 -4.96
CA GLY B 120 -12.88 6.49 -5.29
C GLY B 120 -13.78 7.72 -5.17
N SER B 121 -13.21 8.84 -4.74
CA SER B 121 -13.99 10.08 -4.54
C SER B 121 -14.69 10.51 -5.83
N ASP B 122 -15.89 11.09 -5.69
CA ASP B 122 -16.71 11.51 -6.84
C ASP B 122 -16.51 12.97 -7.23
N CYS B 123 -15.90 13.73 -6.33
CA CYS B 123 -15.56 15.11 -6.59
C CYS B 123 -14.55 15.55 -5.53
N VAL B 124 -13.94 16.71 -5.77
CA VAL B 124 -12.92 17.29 -4.91
C VAL B 124 -13.46 17.55 -3.49
N GLU B 125 -14.67 18.13 -3.40
CA GLU B 125 -15.34 18.33 -2.11
C GLU B 125 -15.37 17.02 -1.29
N ASN B 126 -15.85 15.95 -1.89
CA ASN B 126 -15.92 14.67 -1.17
C ASN B 126 -14.55 14.05 -0.86
N ALA B 127 -13.59 14.21 -1.76
CA ALA B 127 -12.23 13.74 -1.54
C ALA B 127 -11.64 14.33 -0.26
N GLU B 128 -11.79 15.64 -0.08
CA GLU B 128 -11.27 16.33 1.10
C GLU B 128 -11.95 15.83 2.39
N LYS B 129 -13.27 15.71 2.34
CA LYS B 129 -14.04 15.21 3.47
C LYS B 129 -13.59 13.78 3.80
N GLU B 130 -13.42 12.96 2.77
CA GLU B 130 -13.04 11.56 2.92
C GLU B 130 -11.62 11.38 3.49
N ILE B 131 -10.67 12.16 2.99
CA ILE B 131 -9.29 12.11 3.52
C ILE B 131 -9.29 12.46 5.02
N LYS B 132 -9.93 13.57 5.38
CA LYS B 132 -10.02 13.97 6.80
C LYS B 132 -10.68 12.90 7.69
N LEU B 133 -11.69 12.19 7.15
CA LEU B 133 -12.40 11.15 7.91
C LEU B 133 -11.56 9.89 8.11
N TRP B 134 -10.93 9.44 7.04
CA TRP B 134 -10.26 8.15 7.02
C TRP B 134 -8.75 8.21 7.37
N ILE B 135 -8.08 9.28 6.95
CA ILE B 135 -6.63 9.35 7.01
C ILE B 135 -6.19 10.34 8.07
N GLY B 136 -6.58 11.61 7.88
CA GLY B 136 -6.31 12.63 8.86
C GLY B 136 -6.13 14.02 8.28
N ASP B 137 -5.80 14.96 9.18
CA ASP B 137 -5.66 16.37 8.84
C ASP B 137 -4.31 16.66 8.18
N ASP B 138 -3.33 15.76 8.38
CA ASP B 138 -1.97 16.05 7.95
C ASP B 138 -1.26 15.03 7.05
N VAL B 139 -1.72 14.93 5.82
CA VAL B 139 -1.00 14.22 4.77
C VAL B 139 0.09 15.14 4.24
N GLN B 140 1.32 14.66 4.27
CA GLN B 140 2.46 15.47 3.82
C GLN B 140 2.49 15.66 2.31
N PRO B 141 2.97 16.85 1.86
CA PRO B 141 3.25 17.16 0.46
C PRO B 141 4.06 16.04 -0.18
N VAL B 142 3.68 15.66 -1.38
CA VAL B 142 4.40 14.60 -2.06
C VAL B 142 5.34 15.20 -3.09
N SER B 143 6.47 14.54 -3.31
CA SER B 143 7.37 14.92 -4.38
C SER B 143 6.85 14.38 -5.71
N PHE B 144 6.65 15.29 -6.65
CA PHE B 144 6.18 14.93 -7.98
C PHE B 144 7.37 14.52 -8.86
N PHE B 145 7.93 13.35 -8.56
CA PHE B 145 9.28 13.00 -8.99
C PHE B 145 9.52 12.95 -10.52
N ASP B 146 8.48 12.60 -11.29
CA ASP B 146 8.61 12.51 -12.73
C ASP B 146 7.59 13.43 -13.43
N LYS B 147 7.20 14.53 -12.75
CA LYS B 147 6.16 15.45 -13.25
C LYS B 147 6.39 15.90 -14.69
N GLU B 148 7.64 16.24 -15.01
CA GLU B 148 7.96 16.79 -16.33
C GLU B 148 7.76 15.79 -17.47
N TRP B 149 7.73 14.49 -17.15
CA TRP B 149 7.51 13.46 -18.18
C TRP B 149 6.02 13.10 -18.41
N ILE B 150 5.14 13.61 -17.54
CA ILE B 150 3.73 13.20 -17.52
C ILE B 150 2.80 14.40 -17.73
N TYR B 151 3.05 15.50 -16.99
CA TYR B 151 2.11 16.62 -16.92
C TYR B 151 2.52 17.78 -17.82
C1 EDO C . -11.45 -20.54 3.76
O1 EDO C . -11.96 -19.44 3.00
C2 EDO C . -9.96 -20.60 3.51
O2 EDO C . -9.28 -19.98 4.61
#